data_6F9J
#
_entry.id   6F9J
#
_cell.length_a   73.200
_cell.length_b   99.320
_cell.length_c   64.530
_cell.angle_alpha   90.000
_cell.angle_beta   90.000
_cell.angle_gamma   90.000
#
_symmetry.space_group_name_H-M   'P 21 21 2'
#
loop_
_entity.id
_entity.type
_entity.pdbx_description
1 polymer Beta-amylase
2 branched alpha-D-mannopyranose-(1-4)-1-DEOXYNOJIRIMYCIN
3 non-polymer 'CHLORIDE ION'
4 water water
#
_entity_poly.entity_id   1
_entity_poly.type   'polypeptide(L)'
_entity_poly.pdbx_seq_one_letter_code
;MEVNVKGNYVQVYVMLPLDAVSVNNRFEKGDELRAQLRKLVEAGVDGVMVDVWWGLVEGKGPKAYDWSAYKQLFELVQKA
GLKLQAIMSFHQCGGNVGDAVNIPIPQWVRDVGTRDPDIFYTDGHGTRNIEYLTLGVDNQPLFHGRSAVQMYADYMTSFR
ENMKEFLDAGVIVDIEVGLGPAGEMRYPSYPQSHGWSFPGIGEFICYDKYLQADFKAAAAAVGHPEWEFPNDVGQYNDTP
ERTQFFRDNGTYLSEKGRFFLAWYSNNLIKHGDRILDEANKVFLGYKVQLAIKISGIHWWYKVPSHAAELTAGYYNLHDR
DGYRTIARMLKRHRASINFTCAEMRDSEQSSQAMSAPEELVQQVLSAGWREGLNVACENALPRYDPTAYNTILRNARPHG
INQSGPPEHKLFGFTYLRLSNQLVEGQNYVNFKTFVDRMHANLPRDPYVDPMAPLPRSGPEISIEMILQAAQPKLQPFPF
QEHTDLPVGPTGGMGGQAEGPTCGMGGQVKGPTGGMGGQAEDPTSGMGGELPATM
;
_entity_poly.pdbx_strand_id   A
#
# COMPACT_ATOMS: atom_id res chain seq x y z
N VAL A 5 21.86 22.01 -4.83
CA VAL A 5 21.90 20.75 -4.00
C VAL A 5 20.53 20.38 -3.32
N LYS A 6 19.73 21.37 -2.94
CA LYS A 6 18.46 21.16 -2.21
C LYS A 6 17.42 20.30 -2.96
N GLY A 7 17.40 20.39 -4.30
CA GLY A 7 16.50 19.54 -5.09
C GLY A 7 16.74 18.04 -4.91
N ASN A 8 17.90 17.67 -4.35
CA ASN A 8 18.22 16.25 -4.05
C ASN A 8 17.62 15.68 -2.75
N TYR A 9 17.15 16.55 -1.85
CA TYR A 9 16.65 16.15 -0.53
C TYR A 9 15.46 15.21 -0.69
N VAL A 10 15.54 14.06 -0.04
CA VAL A 10 14.42 13.10 0.04
C VAL A 10 13.93 13.05 1.49
N GLN A 11 12.64 13.31 1.70
CA GLN A 11 12.08 13.22 3.04
C GLN A 11 12.11 11.78 3.59
N VAL A 12 12.31 11.68 4.91
CA VAL A 12 12.29 10.43 5.64
C VAL A 12 11.22 10.48 6.73
N TYR A 13 10.28 9.55 6.64
CA TYR A 13 9.25 9.33 7.68
C TYR A 13 9.55 8.03 8.41
N VAL A 14 9.09 7.92 9.65
CA VAL A 14 9.19 6.68 10.41
C VAL A 14 7.79 6.20 10.84
N MET A 15 7.51 4.92 10.58
N MET A 15 7.47 4.92 10.54
CA MET A 15 6.25 4.30 11.00
CA MET A 15 6.21 4.30 10.97
C MET A 15 6.24 4.19 12.50
C MET A 15 6.21 4.15 12.47
N LEU A 16 5.13 4.57 13.12
CA LEU A 16 4.95 4.35 14.56
C LEU A 16 4.65 2.87 14.86
N PRO A 17 4.75 2.46 16.14
CA PRO A 17 4.31 1.12 16.54
C PRO A 17 2.83 0.85 16.17
N LEU A 18 2.52 -0.43 15.93
CA LEU A 18 1.17 -0.84 15.55
C LEU A 18 0.17 -0.50 16.65
N ASP A 19 0.64 -0.55 17.90
CA ASP A 19 -0.15 -0.16 19.09
C ASP A 19 0.15 1.24 19.65
N ALA A 20 0.50 2.18 18.77
CA ALA A 20 0.67 3.60 19.13
C ALA A 20 -0.53 4.11 19.94
N VAL A 21 -1.70 3.65 19.52
CA VAL A 21 -2.93 3.70 20.31
C VAL A 21 -3.24 2.27 20.72
N SER A 22 -3.64 2.07 21.98
CA SER A 22 -3.88 0.71 22.52
C SER A 22 -5.04 0.02 21.78
N VAL A 23 -5.07 -1.30 21.86
CA VAL A 23 -6.17 -2.07 21.27
C VAL A 23 -7.55 -1.80 21.90
N ASN A 24 -7.61 -1.04 23.00
CA ASN A 24 -8.84 -0.58 23.62
C ASN A 24 -9.08 0.91 23.31
N ASN A 25 -8.36 1.45 22.31
CA ASN A 25 -8.53 2.84 21.89
C ASN A 25 -8.26 3.87 23.00
N ARG A 26 -7.17 3.66 23.72
CA ARG A 26 -6.66 4.63 24.68
C ARG A 26 -5.23 4.95 24.31
N PHE A 27 -4.84 6.20 24.51
CA PHE A 27 -3.48 6.61 24.27
C PHE A 27 -2.64 6.43 25.55
N GLU A 28 -1.76 5.42 25.54
CA GLU A 28 -1.02 5.01 26.74
C GLU A 28 0.49 5.22 26.66
N LYS A 29 0.99 5.58 25.49
CA LYS A 29 2.44 5.63 25.28
C LYS A 29 3.02 7.06 25.22
N GLY A 30 2.35 8.01 25.91
CA GLY A 30 2.76 9.40 25.96
C GLY A 30 4.23 9.61 26.28
N ASP A 31 4.67 9.08 27.41
CA ASP A 31 6.06 9.30 27.89
C ASP A 31 7.07 8.63 26.98
N GLU A 32 6.77 7.40 26.60
CA GLU A 32 7.62 6.62 25.73
C GLU A 32 7.80 7.28 24.35
N LEU A 33 6.69 7.62 23.70
CA LEU A 33 6.75 8.23 22.37
C LEU A 33 7.37 9.63 22.38
N ARG A 34 7.17 10.37 23.46
CA ARG A 34 7.74 11.70 23.58
C ARG A 34 9.27 11.58 23.51
N ALA A 35 9.84 10.64 24.26
CA ALA A 35 11.28 10.42 24.25
C ALA A 35 11.76 9.86 22.90
N GLN A 36 11.00 8.92 22.33
CA GLN A 36 11.37 8.32 21.05
C GLN A 36 11.32 9.34 19.91
N LEU A 37 10.28 10.15 19.84
CA LEU A 37 10.17 11.16 18.78
C LEU A 37 11.26 12.25 18.91
N ARG A 38 11.64 12.59 20.14
CA ARG A 38 12.78 13.50 20.36
C ARG A 38 14.05 12.94 19.71
N LYS A 39 14.29 11.64 19.86
CA LYS A 39 15.41 10.99 19.17
C LYS A 39 15.27 11.07 17.65
N LEU A 40 14.06 10.89 17.13
CA LEU A 40 13.83 11.04 15.70
C LEU A 40 14.12 12.46 15.19
N VAL A 41 13.70 13.47 15.96
CA VAL A 41 13.91 14.87 15.60
C VAL A 41 15.41 15.18 15.62
N GLU A 42 16.08 14.73 16.67
CA GLU A 42 17.54 14.86 16.77
C GLU A 42 18.26 14.19 15.61
N ALA A 43 17.66 13.13 15.07
CA ALA A 43 18.19 12.45 13.89
C ALA A 43 17.80 13.07 12.54
N GLY A 44 17.04 14.18 12.55
CA GLY A 44 16.65 14.87 11.32
C GLY A 44 15.35 14.41 10.65
N VAL A 45 14.66 13.46 11.25
CA VAL A 45 13.41 12.90 10.63
C VAL A 45 12.38 13.98 10.33
N ASP A 46 11.79 13.91 9.14
CA ASP A 46 10.79 14.89 8.68
C ASP A 46 9.40 14.66 9.27
N GLY A 47 9.04 13.39 9.45
CA GLY A 47 7.72 13.04 9.99
C GLY A 47 7.57 11.58 10.38
N VAL A 48 6.35 11.22 10.78
CA VAL A 48 5.99 9.86 11.14
C VAL A 48 4.74 9.44 10.37
N MET A 49 4.51 8.13 10.30
CA MET A 49 3.34 7.52 9.69
C MET A 49 2.63 6.73 10.75
N VAL A 50 1.30 6.70 10.69
CA VAL A 50 0.52 5.97 11.69
C VAL A 50 -0.76 5.37 11.12
N ASP A 51 -1.07 4.15 11.55
CA ASP A 51 -2.32 3.49 11.21
C ASP A 51 -3.42 4.14 12.03
N VAL A 52 -4.49 4.57 11.36
CA VAL A 52 -5.67 5.09 12.04
C VAL A 52 -6.71 3.97 11.92
N TRP A 53 -6.74 3.11 12.93
CA TRP A 53 -7.45 1.82 12.81
C TRP A 53 -8.97 1.98 12.86
N TRP A 54 -9.62 1.54 11.80
CA TRP A 54 -11.07 1.52 11.70
C TRP A 54 -11.71 0.74 12.83
N GLY A 55 -11.11 -0.39 13.19
CA GLY A 55 -11.61 -1.20 14.29
C GLY A 55 -11.57 -0.55 15.66
N LEU A 56 -10.64 0.35 15.86
CA LEU A 56 -10.59 1.15 17.08
C LEU A 56 -11.61 2.28 17.08
N VAL A 57 -11.63 3.05 16.02
CA VAL A 57 -12.35 4.31 15.98
C VAL A 57 -13.86 4.12 15.83
N GLU A 58 -14.27 3.25 14.91
CA GLU A 58 -15.71 2.98 14.72
C GLU A 58 -16.10 1.65 15.34
N GLY A 59 -15.45 1.28 16.45
CA GLY A 59 -15.58 -0.04 17.05
C GLY A 59 -16.91 -0.28 17.78
N LYS A 60 -17.49 0.76 18.35
CA LYS A 60 -18.69 0.54 19.18
C LYS A 60 -20.00 0.52 18.41
N GLY A 61 -20.02 1.09 17.21
CA GLY A 61 -21.22 0.99 16.41
C GLY A 61 -21.16 1.89 15.21
N PRO A 62 -22.11 1.75 14.26
CA PRO A 62 -22.12 2.64 13.09
C PRO A 62 -22.12 4.10 13.44
N LYS A 63 -21.14 4.80 12.91
CA LYS A 63 -20.97 6.24 13.09
C LYS A 63 -20.62 6.71 14.50
N ALA A 64 -20.28 5.79 15.38
CA ALA A 64 -19.82 6.14 16.72
C ALA A 64 -18.30 6.30 16.70
N TYR A 65 -17.84 7.37 16.09
CA TYR A 65 -16.41 7.57 15.93
C TYR A 65 -15.82 8.13 17.22
N ASP A 66 -14.85 7.41 17.79
CA ASP A 66 -14.15 7.87 18.96
C ASP A 66 -12.70 8.17 18.59
N TRP A 67 -12.44 9.46 18.36
CA TRP A 67 -11.17 10.00 17.95
C TRP A 67 -10.29 10.44 19.09
N SER A 68 -10.71 10.25 20.35
CA SER A 68 -10.05 10.91 21.46
C SER A 68 -8.59 10.49 21.65
N ALA A 69 -8.26 9.21 21.47
CA ALA A 69 -6.87 8.76 21.62
C ALA A 69 -5.98 9.26 20.47
N TYR A 70 -6.47 9.14 19.24
CA TYR A 70 -5.75 9.69 18.08
C TYR A 70 -5.48 11.19 18.21
N LYS A 71 -6.44 11.97 18.72
CA LYS A 71 -6.18 13.38 19.01
C LYS A 71 -5.01 13.59 19.95
N GLN A 72 -4.93 12.81 21.04
CA GLN A 72 -3.81 12.95 21.96
C GLN A 72 -2.51 12.58 21.29
N LEU A 73 -2.49 11.46 20.56
CA LEU A 73 -1.31 11.09 19.76
C LEU A 73 -0.89 12.20 18.82
N PHE A 74 -1.84 12.74 18.05
CA PHE A 74 -1.54 13.79 17.08
C PHE A 74 -0.99 15.07 17.72
N GLU A 75 -1.53 15.47 18.89
CA GLU A 75 -0.97 16.63 19.62
C GLU A 75 0.50 16.44 20.00
N LEU A 76 0.82 15.19 20.34
CA LEU A 76 2.18 14.84 20.71
C LEU A 76 3.06 15.02 19.50
N VAL A 77 2.59 14.53 18.34
CA VAL A 77 3.35 14.64 17.08
C VAL A 77 3.56 16.10 16.71
N GLN A 78 2.51 16.89 16.76
CA GLN A 78 2.62 18.33 16.55
C GLN A 78 3.58 19.01 17.54
N LYS A 79 3.49 18.66 18.82
CA LYS A 79 4.41 19.19 19.83
C LYS A 79 5.87 18.87 19.58
N ALA A 80 6.14 17.73 18.95
CA ALA A 80 7.52 17.35 18.57
C ALA A 80 8.01 18.09 17.31
N GLY A 81 7.11 18.77 16.61
CA GLY A 81 7.42 19.51 15.40
C GLY A 81 7.53 18.64 14.15
N LEU A 82 6.94 17.43 14.19
CA LEU A 82 7.03 16.46 13.09
C LEU A 82 5.80 16.51 12.18
N LYS A 83 5.98 16.19 10.90
CA LYS A 83 4.87 15.99 9.96
C LYS A 83 4.26 14.60 10.17
N LEU A 84 3.08 14.38 9.60
N LEU A 84 3.06 14.38 9.64
CA LEU A 84 2.29 13.18 9.87
CA LEU A 84 2.28 13.17 9.91
C LEU A 84 1.63 12.64 8.62
C LEU A 84 1.63 12.63 8.63
N GLN A 85 1.85 11.36 8.34
CA GLN A 85 1.17 10.60 7.27
C GLN A 85 0.14 9.66 7.92
N ALA A 86 -1.14 9.88 7.64
CA ALA A 86 -2.20 9.11 8.29
C ALA A 86 -2.73 8.04 7.35
N ILE A 87 -2.68 6.80 7.79
CA ILE A 87 -3.25 5.72 7.04
C ILE A 87 -4.71 5.50 7.45
N MET A 88 -5.61 5.57 6.47
CA MET A 88 -6.99 5.15 6.69
C MET A 88 -6.97 3.64 6.67
N SER A 89 -6.85 3.06 7.86
CA SER A 89 -6.59 1.65 8.00
C SER A 89 -7.91 0.89 8.16
N PHE A 90 -8.47 0.49 7.01
CA PHE A 90 -9.75 -0.23 6.94
C PHE A 90 -9.57 -1.74 6.98
N HIS A 91 -8.49 -2.18 7.62
CA HIS A 91 -8.09 -3.57 7.64
C HIS A 91 -7.75 -3.98 9.07
N GLN A 92 -7.71 -5.29 9.24
CA GLN A 92 -7.34 -5.92 10.50
C GLN A 92 -5.83 -5.80 10.70
N CYS A 93 -5.44 -5.41 11.90
CA CYS A 93 -4.09 -5.57 12.41
C CYS A 93 -3.92 -6.97 13.05
N GLY A 94 -2.87 -7.67 12.65
CA GLY A 94 -2.51 -8.92 13.31
C GLY A 94 -3.53 -10.00 13.04
N GLY A 95 -3.86 -10.76 14.08
CA GLY A 95 -4.89 -11.82 14.01
C GLY A 95 -4.36 -13.23 13.75
N ASN A 96 -3.05 -13.36 13.54
CA ASN A 96 -2.40 -14.65 13.37
C ASN A 96 -1.81 -15.12 14.69
N VAL A 97 -1.56 -16.42 14.77
CA VAL A 97 -0.92 -17.00 15.93
C VAL A 97 0.41 -16.29 16.15
N GLY A 98 0.65 -15.79 17.36
CA GLY A 98 1.92 -15.15 17.71
C GLY A 98 2.00 -13.65 17.53
N ASP A 99 1.04 -13.02 16.84
CA ASP A 99 1.05 -11.56 16.64
C ASP A 99 0.80 -10.84 17.98
N ALA A 100 1.55 -9.78 18.24
CA ALA A 100 1.48 -9.07 19.51
C ALA A 100 0.30 -8.09 19.59
N VAL A 101 -0.04 -7.47 18.45
CA VAL A 101 -1.08 -6.41 18.40
C VAL A 101 -2.17 -6.87 17.45
N ASN A 102 -3.38 -7.02 18.01
CA ASN A 102 -4.50 -7.62 17.29
C ASN A 102 -5.67 -6.64 17.33
N ILE A 103 -6.02 -6.12 16.16
CA ILE A 103 -7.11 -5.14 16.02
C ILE A 103 -7.97 -5.49 14.81
N PRO A 104 -9.07 -6.23 15.04
CA PRO A 104 -9.94 -6.58 13.93
C PRO A 104 -10.72 -5.39 13.39
N ILE A 105 -11.35 -5.55 12.25
CA ILE A 105 -12.35 -4.55 11.77
C ILE A 105 -13.56 -4.52 12.77
N PRO A 106 -14.39 -3.46 12.72
CA PRO A 106 -15.40 -3.32 13.78
C PRO A 106 -16.26 -4.57 13.98
N GLN A 107 -16.56 -4.85 15.25
CA GLN A 107 -17.26 -6.05 15.58
C GLN A 107 -18.63 -6.05 14.92
N TRP A 108 -19.26 -4.89 14.85
CA TRP A 108 -20.61 -4.78 14.30
C TRP A 108 -20.63 -5.07 12.77
N VAL A 109 -19.50 -4.82 12.11
CA VAL A 109 -19.34 -5.20 10.69
C VAL A 109 -19.18 -6.71 10.57
N ARG A 110 -18.36 -7.31 11.43
CA ARG A 110 -18.22 -8.77 11.46
C ARG A 110 -19.52 -9.47 11.79
N ASP A 111 -20.33 -8.85 12.64
N ASP A 111 -20.34 -8.86 12.65
CA ASP A 111 -21.66 -9.35 12.96
CA ASP A 111 -21.69 -9.36 12.93
C ASP A 111 -22.56 -9.51 11.71
C ASP A 111 -22.51 -9.57 11.65
N VAL A 112 -22.47 -8.59 10.75
CA VAL A 112 -23.17 -8.69 9.46
C VAL A 112 -22.71 -9.94 8.72
N GLY A 113 -21.42 -10.21 8.81
CA GLY A 113 -20.82 -11.40 8.16
C GLY A 113 -21.30 -12.75 8.67
N THR A 114 -21.83 -12.80 9.88
CA THR A 114 -22.39 -14.04 10.42
C THR A 114 -23.67 -14.42 9.69
N ARG A 115 -24.36 -13.42 9.14
CA ARG A 115 -25.53 -13.67 8.30
C ARG A 115 -25.22 -13.69 6.80
N ASP A 116 -24.34 -12.79 6.37
CA ASP A 116 -23.89 -12.73 4.96
C ASP A 116 -22.39 -12.92 4.96
N PRO A 117 -21.95 -14.19 4.87
CA PRO A 117 -20.51 -14.42 4.91
C PRO A 117 -19.78 -13.97 3.65
N ASP A 118 -20.54 -13.66 2.60
CA ASP A 118 -19.94 -13.20 1.32
C ASP A 118 -19.42 -11.75 1.29
N ILE A 119 -19.49 -11.03 2.43
CA ILE A 119 -18.83 -9.75 2.63
C ILE A 119 -17.31 -9.85 2.72
N PHE A 120 -16.79 -11.08 2.87
CA PHE A 120 -15.37 -11.34 2.98
C PHE A 120 -14.82 -11.97 1.71
N TYR A 121 -13.62 -11.55 1.34
CA TYR A 121 -12.91 -12.29 0.29
C TYR A 121 -12.82 -13.76 0.63
N THR A 122 -13.17 -14.61 -0.33
CA THR A 122 -13.36 -16.02 -0.16
C THR A 122 -12.56 -16.81 -1.20
N ASP A 123 -11.80 -17.82 -0.75
CA ASP A 123 -11.07 -18.70 -1.65
C ASP A 123 -11.85 -19.86 -2.21
N GLY A 124 -11.20 -20.68 -3.05
CA GLY A 124 -11.89 -21.73 -3.74
C GLY A 124 -12.29 -22.90 -2.85
N HIS A 125 -11.74 -22.97 -1.64
CA HIS A 125 -12.25 -23.94 -0.66
C HIS A 125 -13.36 -23.38 0.22
N GLY A 126 -13.76 -22.14 -0.03
CA GLY A 126 -14.78 -21.51 0.78
C GLY A 126 -14.31 -20.78 2.00
N THR A 127 -13.02 -20.76 2.29
CA THR A 127 -12.54 -20.10 3.48
C THR A 127 -12.75 -18.60 3.38
N ARG A 128 -13.27 -18.01 4.45
CA ARG A 128 -13.55 -16.58 4.54
C ARG A 128 -12.38 -15.86 5.20
N ASN A 129 -11.86 -14.84 4.54
CA ASN A 129 -10.79 -14.04 5.14
C ASN A 129 -11.40 -12.82 5.78
N ILE A 130 -11.24 -12.67 7.10
CA ILE A 130 -11.92 -11.58 7.82
C ILE A 130 -11.17 -10.26 7.91
N GLU A 131 -10.05 -10.12 7.19
CA GLU A 131 -9.19 -8.96 7.40
C GLU A 131 -9.65 -7.68 6.73
N TYR A 132 -10.61 -7.77 5.82
CA TYR A 132 -10.99 -6.69 4.91
C TYR A 132 -12.26 -7.09 4.16
N LEU A 133 -13.09 -6.12 3.78
CA LEU A 133 -14.32 -6.44 3.08
C LEU A 133 -14.07 -6.55 1.60
N THR A 134 -14.63 -7.59 0.98
CA THR A 134 -14.48 -7.76 -0.47
C THR A 134 -14.85 -6.52 -1.28
N LEU A 135 -14.08 -6.22 -2.30
CA LEU A 135 -14.47 -5.14 -3.23
C LEU A 135 -15.86 -5.42 -3.87
N GLY A 136 -16.30 -6.69 -3.88
CA GLY A 136 -17.63 -7.07 -4.31
C GLY A 136 -18.77 -6.36 -3.57
N VAL A 137 -18.54 -5.87 -2.36
CA VAL A 137 -19.60 -5.15 -1.63
C VAL A 137 -19.37 -3.63 -1.53
N ASP A 138 -18.46 -3.09 -2.34
CA ASP A 138 -18.19 -1.67 -2.39
C ASP A 138 -19.48 -0.88 -2.52
N ASN A 139 -20.39 -1.31 -3.40
CA ASN A 139 -21.69 -0.62 -3.65
C ASN A 139 -22.93 -1.41 -3.22
N GLN A 140 -22.77 -2.37 -2.34
CA GLN A 140 -23.92 -3.15 -1.80
C GLN A 140 -24.25 -2.60 -0.41
N PRO A 141 -25.51 -2.12 -0.19
CA PRO A 141 -25.91 -1.44 1.07
C PRO A 141 -26.25 -2.42 2.17
N LEU A 142 -25.24 -3.18 2.61
CA LEU A 142 -25.42 -4.33 3.48
C LEU A 142 -25.18 -4.05 4.96
N PHE A 143 -24.67 -2.86 5.28
CA PHE A 143 -24.12 -2.54 6.60
C PHE A 143 -25.00 -1.53 7.31
N HIS A 144 -26.11 -2.03 7.86
CA HIS A 144 -27.09 -1.16 8.51
C HIS A 144 -27.42 0.04 7.63
N GLY A 145 -27.68 -0.25 6.35
CA GLY A 145 -28.06 0.74 5.36
C GLY A 145 -26.98 1.37 4.52
N ARG A 146 -25.71 1.06 4.80
CA ARG A 146 -24.58 1.65 4.08
C ARG A 146 -23.81 0.60 3.32
N SER A 147 -23.21 1.06 2.20
CA SER A 147 -22.27 0.28 1.42
C SER A 147 -20.87 0.42 2.03
N ALA A 148 -19.96 -0.45 1.60
CA ALA A 148 -18.58 -0.36 2.08
C ALA A 148 -17.96 0.99 1.70
N VAL A 149 -18.16 1.43 0.46
CA VAL A 149 -17.66 2.71 0.01
C VAL A 149 -18.23 3.87 0.84
N GLN A 150 -19.50 3.83 1.18
CA GLN A 150 -20.07 4.85 2.10
C GLN A 150 -19.41 4.84 3.48
N MET A 151 -19.17 3.65 4.05
CA MET A 151 -18.50 3.56 5.32
C MET A 151 -17.10 4.20 5.23
N TYR A 152 -16.36 3.90 4.17
CA TYR A 152 -15.03 4.48 4.01
C TYR A 152 -15.07 6.00 3.89
N ALA A 153 -15.98 6.50 3.06
CA ALA A 153 -16.17 7.94 2.86
C ALA A 153 -16.59 8.63 4.18
N ASP A 154 -17.52 8.03 4.90
CA ASP A 154 -18.01 8.63 6.18
C ASP A 154 -16.89 8.69 7.22
N TYR A 155 -16.06 7.63 7.29
CA TYR A 155 -14.92 7.60 8.21
C TYR A 155 -13.92 8.71 7.88
N MET A 156 -13.59 8.84 6.58
CA MET A 156 -12.68 9.90 6.15
C MET A 156 -13.24 11.29 6.43
N THR A 157 -14.56 11.47 6.24
CA THR A 157 -15.22 12.76 6.51
C THR A 157 -15.14 13.07 8.01
N SER A 158 -15.38 12.07 8.86
CA SER A 158 -15.29 12.27 10.30
C SER A 158 -13.86 12.59 10.74
N PHE A 159 -12.90 11.92 10.09
CA PHE A 159 -11.49 12.22 10.32
C PHE A 159 -11.16 13.67 10.01
N ARG A 160 -11.56 14.12 8.84
CA ARG A 160 -11.29 15.47 8.42
C ARG A 160 -11.87 16.49 9.40
N GLU A 161 -13.15 16.32 9.69
CA GLU A 161 -13.81 17.23 10.66
C GLU A 161 -13.13 17.26 12.03
N ASN A 162 -12.78 16.10 12.55
CA ASN A 162 -12.21 16.03 13.90
C ASN A 162 -10.74 16.47 13.97
N MET A 163 -10.00 16.30 12.88
CA MET A 163 -8.55 16.59 12.82
C MET A 163 -8.25 17.86 12.02
N LYS A 164 -9.28 18.66 11.80
CA LYS A 164 -9.17 19.86 10.99
C LYS A 164 -8.02 20.78 11.43
N GLU A 165 -7.84 20.90 12.74
N GLU A 165 -7.81 20.92 12.73
CA GLU A 165 -6.80 21.73 13.33
CA GLU A 165 -6.76 21.80 13.24
C GLU A 165 -5.40 21.29 12.92
C GLU A 165 -5.36 21.29 12.92
N PHE A 166 -5.19 19.97 12.92
CA PHE A 166 -3.91 19.37 12.50
C PHE A 166 -3.67 19.48 11.00
N LEU A 167 -4.75 19.37 10.21
CA LEU A 167 -4.69 19.61 8.76
C LEU A 167 -4.31 21.07 8.49
N ASP A 168 -5.02 22.01 9.12
CA ASP A 168 -4.77 23.43 8.88
C ASP A 168 -3.38 23.91 9.33
N ALA A 169 -2.87 23.31 10.39
CA ALA A 169 -1.56 23.64 10.88
C ALA A 169 -0.42 22.98 10.07
N GLY A 170 -0.74 22.25 9.00
CA GLY A 170 0.27 21.55 8.21
C GLY A 170 0.96 20.41 8.93
N VAL A 171 0.32 19.82 9.93
CA VAL A 171 0.89 18.67 10.61
C VAL A 171 0.62 17.44 9.75
N ILE A 172 -0.65 17.24 9.39
CA ILE A 172 -1.01 16.14 8.52
C ILE A 172 -0.77 16.58 7.11
N VAL A 173 0.06 15.82 6.41
CA VAL A 173 0.48 16.16 5.05
C VAL A 173 0.16 15.10 4.03
N ASP A 174 -0.21 13.91 4.48
CA ASP A 174 -0.44 12.80 3.60
C ASP A 174 -1.57 11.92 4.14
N ILE A 175 -2.51 11.54 3.29
CA ILE A 175 -3.58 10.58 3.62
C ILE A 175 -3.35 9.32 2.80
N GLU A 176 -3.00 8.22 3.44
CA GLU A 176 -2.76 6.96 2.70
C GLU A 176 -4.08 6.18 2.81
N VAL A 177 -4.69 5.93 1.67
CA VAL A 177 -6.02 5.28 1.68
C VAL A 177 -5.88 3.74 1.62
N GLY A 178 -6.17 3.06 2.72
CA GLY A 178 -6.12 1.61 2.73
C GLY A 178 -7.15 1.01 1.79
N LEU A 179 -6.71 0.07 0.98
CA LEU A 179 -7.54 -0.47 -0.08
C LEU A 179 -7.58 -1.99 -0.07
N GLY A 180 -7.09 -2.60 1.01
CA GLY A 180 -7.06 -4.03 1.11
C GLY A 180 -6.37 -4.46 2.39
N PRO A 181 -6.05 -5.76 2.48
CA PRO A 181 -5.29 -6.28 3.61
C PRO A 181 -3.97 -5.56 3.74
N ALA A 182 -3.54 -5.35 4.98
CA ALA A 182 -2.34 -4.57 5.30
C ALA A 182 -2.38 -3.19 4.71
N GLY A 183 -3.58 -2.71 4.35
CA GLY A 183 -3.71 -1.40 3.71
C GLY A 183 -3.34 -1.38 2.24
N GLU A 184 -3.02 -2.53 1.68
CA GLU A 184 -2.49 -2.59 0.31
C GLU A 184 -3.59 -2.85 -0.67
N MET A 185 -3.50 -2.20 -1.84
CA MET A 185 -4.45 -2.44 -2.93
C MET A 185 -4.12 -3.78 -3.59
N ARG A 186 -4.71 -4.84 -3.05
CA ARG A 186 -4.50 -6.22 -3.51
C ARG A 186 -5.58 -7.13 -2.95
N TYR A 187 -5.60 -8.35 -3.44
CA TYR A 187 -6.34 -9.45 -2.83
C TYR A 187 -5.50 -10.13 -1.75
N PRO A 188 -6.14 -10.83 -0.81
CA PRO A 188 -5.40 -11.54 0.24
C PRO A 188 -5.01 -12.93 -0.25
N SER A 189 -4.09 -12.91 -1.21
CA SER A 189 -3.76 -14.13 -1.93
C SER A 189 -2.68 -14.98 -1.25
N TYR A 190 -2.05 -14.47 -0.20
CA TYR A 190 -1.01 -15.22 0.53
C TYR A 190 -1.17 -15.14 2.06
N PRO A 191 -2.27 -15.68 2.57
CA PRO A 191 -2.56 -15.57 4.01
C PRO A 191 -1.90 -16.69 4.85
N GLN A 192 -1.07 -16.31 5.82
CA GLN A 192 -0.41 -17.30 6.73
C GLN A 192 -1.51 -18.15 7.42
N SER A 193 -2.59 -17.49 7.78
CA SER A 193 -3.70 -18.19 8.49
C SER A 193 -4.41 -19.29 7.68
N HIS A 194 -4.38 -19.19 6.35
CA HIS A 194 -4.96 -20.22 5.48
C HIS A 194 -3.90 -21.26 5.05
N GLY A 195 -2.68 -21.14 5.57
CA GLY A 195 -1.61 -22.10 5.38
C GLY A 195 -0.56 -21.76 4.35
N TRP A 196 -0.63 -20.56 3.77
CA TRP A 196 0.39 -20.13 2.83
C TRP A 196 1.69 -19.92 3.57
N SER A 197 2.79 -20.34 2.95
CA SER A 197 4.10 -19.90 3.36
C SER A 197 4.93 -19.55 2.12
N PHE A 198 5.84 -18.63 2.32
CA PHE A 198 6.73 -18.15 1.24
C PHE A 198 7.50 -19.31 0.63
N PRO A 199 7.65 -19.45 -0.70
CA PRO A 199 7.18 -18.54 -1.76
C PRO A 199 6.07 -19.19 -2.58
N GLY A 200 5.03 -19.65 -1.92
CA GLY A 200 3.91 -20.23 -2.65
C GLY A 200 3.29 -19.21 -3.62
N ILE A 201 2.78 -19.69 -4.74
CA ILE A 201 2.14 -18.88 -5.75
C ILE A 201 0.88 -18.14 -5.27
N GLY A 202 0.30 -18.57 -4.15
CA GLY A 202 -0.93 -17.95 -3.66
C GLY A 202 -2.13 -18.43 -4.43
N GLU A 203 -3.29 -17.85 -4.12
CA GLU A 203 -4.55 -18.23 -4.79
C GLU A 203 -5.37 -17.04 -5.19
N PHE A 204 -6.27 -17.25 -6.16
CA PHE A 204 -7.24 -16.26 -6.58
C PHE A 204 -8.36 -16.24 -5.53
N ILE A 205 -8.68 -15.06 -5.01
CA ILE A 205 -9.59 -14.95 -3.87
C ILE A 205 -10.88 -14.24 -4.32
N CYS A 206 -11.53 -14.83 -5.30
CA CYS A 206 -12.67 -14.23 -5.98
C CYS A 206 -13.98 -15.06 -5.90
N TYR A 207 -14.09 -15.90 -4.88
CA TYR A 207 -15.19 -16.84 -4.78
C TYR A 207 -16.36 -16.34 -3.98
N ASP A 208 -16.29 -15.15 -3.39
CA ASP A 208 -17.48 -14.63 -2.69
C ASP A 208 -18.59 -14.51 -3.73
N LYS A 209 -19.85 -14.62 -3.31
CA LYS A 209 -20.96 -14.68 -4.26
C LYS A 209 -21.10 -13.38 -5.09
N TYR A 210 -20.67 -12.26 -4.51
CA TYR A 210 -20.75 -10.99 -5.20
C TYR A 210 -19.80 -10.96 -6.39
N LEU A 211 -18.56 -11.37 -6.17
CA LEU A 211 -17.62 -11.42 -7.26
C LEU A 211 -17.98 -12.52 -8.25
N GLN A 212 -18.51 -13.65 -7.78
CA GLN A 212 -18.95 -14.69 -8.72
C GLN A 212 -20.04 -14.16 -9.69
N ALA A 213 -21.00 -13.41 -9.17
CA ALA A 213 -22.08 -12.83 -9.97
C ALA A 213 -21.50 -11.82 -10.98
N ASP A 214 -20.52 -11.04 -10.51
CA ASP A 214 -19.85 -10.05 -11.34
C ASP A 214 -19.16 -10.72 -12.52
N PHE A 215 -18.37 -11.77 -12.24
CA PHE A 215 -17.71 -12.50 -13.31
C PHE A 215 -18.68 -13.07 -14.35
N LYS A 216 -19.76 -13.66 -13.88
N LYS A 216 -19.76 -13.66 -13.88
CA LYS A 216 -20.75 -14.26 -14.78
CA LYS A 216 -20.78 -14.26 -14.73
C LYS A 216 -21.34 -13.21 -15.73
C LYS A 216 -21.38 -13.24 -15.70
N ALA A 217 -21.67 -12.04 -15.18
CA ALA A 217 -22.18 -10.96 -15.99
C ALA A 217 -21.14 -10.47 -17.01
N ALA A 218 -19.89 -10.33 -16.55
CA ALA A 218 -18.79 -9.86 -17.43
C ALA A 218 -18.52 -10.84 -18.57
N ALA A 219 -18.59 -12.13 -18.25
CA ALA A 219 -18.45 -13.19 -19.20
C ALA A 219 -19.58 -13.19 -20.24
N ALA A 220 -20.82 -13.06 -19.79
CA ALA A 220 -21.97 -12.96 -20.71
C ALA A 220 -21.86 -11.71 -21.60
N ALA A 221 -21.34 -10.61 -21.06
CA ALA A 221 -21.15 -9.38 -21.85
C ALA A 221 -20.14 -9.52 -23.00
N VAL A 222 -19.28 -10.54 -22.98
CA VAL A 222 -18.38 -10.84 -24.14
C VAL A 222 -18.77 -12.08 -24.98
N GLY A 223 -19.98 -12.59 -24.76
CA GLY A 223 -20.50 -13.71 -25.53
C GLY A 223 -20.21 -15.09 -24.99
N HIS A 224 -19.67 -15.19 -23.79
CA HIS A 224 -19.30 -16.49 -23.21
C HIS A 224 -19.92 -16.70 -21.82
N PRO A 225 -21.27 -16.76 -21.72
CA PRO A 225 -21.95 -17.07 -20.44
C PRO A 225 -21.50 -18.35 -19.72
N GLU A 226 -21.09 -19.34 -20.50
CA GLU A 226 -20.64 -20.64 -19.96
C GLU A 226 -19.37 -20.58 -19.09
N TRP A 227 -18.49 -19.60 -19.33
CA TRP A 227 -17.15 -19.57 -18.70
C TRP A 227 -17.19 -19.56 -17.17
N GLU A 228 -16.22 -20.25 -16.57
CA GLU A 228 -16.02 -20.25 -15.13
C GLU A 228 -14.57 -19.90 -14.82
N PHE A 229 -14.29 -19.70 -13.54
CA PHE A 229 -12.95 -19.43 -13.08
C PHE A 229 -12.05 -20.60 -13.50
N PRO A 230 -10.76 -20.33 -13.74
CA PRO A 230 -9.83 -21.44 -14.05
C PRO A 230 -9.70 -22.40 -12.88
N ASN A 231 -9.65 -23.70 -13.16
CA ASN A 231 -9.56 -24.72 -12.10
C ASN A 231 -8.28 -25.56 -12.21
N ASP A 232 -7.26 -25.03 -12.86
CA ASP A 232 -5.99 -25.72 -13.05
C ASP A 232 -4.89 -24.86 -12.47
N VAL A 233 -5.21 -24.23 -11.34
CA VAL A 233 -4.39 -23.19 -10.73
C VAL A 233 -3.63 -23.65 -9.47
N GLY A 234 -3.81 -24.92 -9.08
CA GLY A 234 -3.18 -25.47 -7.88
C GLY A 234 -3.68 -24.80 -6.62
N GLN A 235 -2.79 -24.65 -5.65
CA GLN A 235 -3.11 -24.18 -4.33
C GLN A 235 -2.01 -23.26 -3.82
N TYR A 236 -2.26 -22.62 -2.69
CA TYR A 236 -1.39 -21.61 -2.07
C TYR A 236 0.11 -21.90 -2.20
N ASN A 237 0.53 -23.12 -1.85
CA ASN A 237 1.95 -23.42 -1.71
C ASN A 237 2.56 -24.13 -2.91
N ASP A 238 1.81 -24.26 -4.01
CA ASP A 238 2.38 -24.79 -5.25
C ASP A 238 3.43 -23.85 -5.84
N THR A 239 4.23 -24.41 -6.76
CA THR A 239 5.11 -23.64 -7.65
C THR A 239 4.44 -23.61 -9.03
N PRO A 240 4.77 -22.62 -9.88
CA PRO A 240 4.09 -22.47 -11.17
C PRO A 240 4.13 -23.72 -12.04
N GLU A 241 5.29 -24.37 -12.15
CA GLU A 241 5.43 -25.51 -13.06
C GLU A 241 4.57 -26.73 -12.65
N ARG A 242 4.09 -26.76 -11.40
CA ARG A 242 3.19 -27.81 -10.91
C ARG A 242 1.71 -27.58 -11.26
N THR A 243 1.41 -26.51 -11.98
CA THR A 243 0.03 -26.21 -12.37
C THR A 243 -0.05 -26.04 -13.86
N GLN A 244 -1.17 -26.41 -14.46
CA GLN A 244 -1.36 -26.16 -15.89
C GLN A 244 -1.58 -24.66 -16.22
N PHE A 245 -2.07 -23.87 -15.26
CA PHE A 245 -2.36 -22.47 -15.51
C PHE A 245 -1.11 -21.63 -15.55
N PHE A 246 -0.23 -21.83 -14.57
CA PHE A 246 0.93 -20.96 -14.38
C PHE A 246 2.25 -21.44 -15.00
N ARG A 247 2.28 -22.67 -15.47
CA ARG A 247 3.54 -23.19 -16.07
C ARG A 247 3.89 -22.43 -17.34
N ASP A 248 5.15 -22.54 -17.78
CA ASP A 248 5.57 -21.94 -19.02
C ASP A 248 4.62 -22.42 -20.12
N ASN A 249 4.16 -21.49 -20.94
CA ASN A 249 3.26 -21.78 -22.03
C ASN A 249 1.94 -22.38 -21.52
N GLY A 250 1.55 -21.98 -20.31
CA GLY A 250 0.38 -22.53 -19.64
C GLY A 250 -0.91 -21.86 -20.09
N THR A 251 -2.01 -22.24 -19.45
CA THR A 251 -3.33 -21.74 -19.83
C THR A 251 -3.62 -20.28 -19.40
N TYR A 252 -2.73 -19.68 -18.62
CA TYR A 252 -2.82 -18.22 -18.38
C TYR A 252 -2.80 -17.45 -19.71
N LEU A 253 -2.18 -18.05 -20.74
CA LEU A 253 -2.08 -17.42 -22.07
C LEU A 253 -3.31 -17.58 -22.95
N SER A 254 -4.24 -18.45 -22.59
CA SER A 254 -5.44 -18.69 -23.40
C SER A 254 -6.35 -17.48 -23.39
N GLU A 255 -7.27 -17.46 -24.35
CA GLU A 255 -8.30 -16.40 -24.42
C GLU A 255 -9.09 -16.31 -23.09
N LYS A 256 -9.49 -17.47 -22.58
CA LYS A 256 -10.14 -17.64 -21.28
C LYS A 256 -9.29 -17.13 -20.10
N GLY A 257 -8.04 -17.54 -20.05
CA GLY A 257 -7.13 -17.13 -18.98
C GLY A 257 -6.95 -15.63 -18.99
N ARG A 258 -6.76 -15.08 -20.20
CA ARG A 258 -6.57 -13.64 -20.37
C ARG A 258 -7.77 -12.87 -19.89
N PHE A 259 -8.96 -13.33 -20.25
CA PHE A 259 -10.20 -12.69 -19.81
C PHE A 259 -10.31 -12.67 -18.30
N PHE A 260 -10.04 -13.82 -17.70
CA PHE A 260 -10.15 -13.96 -16.25
C PHE A 260 -9.12 -13.04 -15.51
N LEU A 261 -7.87 -13.09 -15.94
CA LEU A 261 -6.82 -12.24 -15.36
C LEU A 261 -7.13 -10.75 -15.46
N ALA A 262 -7.67 -10.37 -16.61
CA ALA A 262 -8.11 -8.99 -16.83
C ALA A 262 -9.24 -8.61 -15.91
N TRP A 263 -10.24 -9.48 -15.80
CA TRP A 263 -11.39 -9.23 -14.95
C TRP A 263 -10.96 -9.05 -13.48
N TYR A 264 -10.10 -9.95 -13.01
CA TYR A 264 -9.64 -9.93 -11.63
C TYR A 264 -8.81 -8.71 -11.33
N SER A 265 -7.85 -8.40 -12.19
CA SER A 265 -7.00 -7.21 -11.98
C SER A 265 -7.75 -5.89 -12.19
N ASN A 266 -8.69 -5.89 -13.14
CA ASN A 266 -9.50 -4.71 -13.41
C ASN A 266 -10.37 -4.38 -12.21
N ASN A 267 -10.91 -5.39 -11.55
CA ASN A 267 -11.76 -5.13 -10.40
C ASN A 267 -11.01 -4.43 -9.29
N LEU A 268 -9.75 -4.79 -9.09
N LEU A 268 -9.74 -4.77 -9.06
CA LEU A 268 -8.90 -4.09 -8.13
CA LEU A 268 -8.91 -4.00 -8.11
C LEU A 268 -8.69 -2.61 -8.50
C LEU A 268 -8.73 -2.55 -8.50
N ILE A 269 -8.43 -2.36 -9.80
CA ILE A 269 -8.25 -1.01 -10.34
C ILE A 269 -9.52 -0.19 -10.12
N LYS A 270 -10.67 -0.77 -10.42
CA LYS A 270 -11.95 -0.06 -10.24
C LYS A 270 -12.25 0.25 -8.77
N HIS A 271 -11.87 -0.69 -7.89
CA HIS A 271 -12.01 -0.50 -6.44
C HIS A 271 -11.21 0.70 -5.96
N GLY A 272 -9.96 0.79 -6.41
CA GLY A 272 -9.13 1.93 -6.05
C GLY A 272 -9.70 3.25 -6.60
N ASP A 273 -10.16 3.21 -7.84
CA ASP A 273 -10.63 4.42 -8.52
C ASP A 273 -11.84 4.99 -7.78
N ARG A 274 -12.79 4.12 -7.46
N ARG A 274 -12.78 4.12 -7.46
CA ARG A 274 -14.02 4.61 -6.83
CA ARG A 274 -14.01 4.59 -6.83
C ARG A 274 -13.80 5.08 -5.40
C ARG A 274 -13.74 5.12 -5.41
N ILE A 275 -12.89 4.44 -4.65
CA ILE A 275 -12.58 4.90 -3.29
C ILE A 275 -11.71 6.17 -3.29
N LEU A 276 -10.77 6.26 -4.21
CA LEU A 276 -10.01 7.49 -4.35
C LEU A 276 -10.88 8.69 -4.77
N ASP A 277 -11.90 8.46 -5.59
CA ASP A 277 -12.81 9.55 -5.99
C ASP A 277 -13.50 10.12 -4.73
N GLU A 278 -13.95 9.23 -3.84
CA GLU A 278 -14.53 9.69 -2.57
C GLU A 278 -13.54 10.38 -1.65
N ALA A 279 -12.34 9.83 -1.53
CA ALA A 279 -11.31 10.43 -0.68
C ALA A 279 -10.91 11.82 -1.15
N ASN A 280 -10.78 11.96 -2.46
CA ASN A 280 -10.48 13.26 -3.07
C ASN A 280 -11.56 14.30 -2.74
N LYS A 281 -12.83 13.89 -2.86
CA LYS A 281 -13.93 14.75 -2.52
C LYS A 281 -13.90 15.16 -1.04
N VAL A 282 -13.54 14.23 -0.16
CA VAL A 282 -13.42 14.54 1.27
C VAL A 282 -12.33 15.58 1.55
N PHE A 283 -11.17 15.39 0.97
CA PHE A 283 -10.00 16.19 1.30
C PHE A 283 -9.76 17.37 0.39
N LEU A 284 -10.69 17.59 -0.52
CA LEU A 284 -10.67 18.74 -1.44
C LEU A 284 -10.27 20.04 -0.72
N GLY A 285 -9.31 20.76 -1.28
CA GLY A 285 -8.90 22.04 -0.71
C GLY A 285 -7.93 22.00 0.45
N TYR A 286 -7.65 20.82 1.04
CA TYR A 286 -6.64 20.69 2.08
C TYR A 286 -5.27 20.46 1.47
N LYS A 287 -4.23 20.93 2.15
CA LYS A 287 -2.85 20.76 1.62
C LYS A 287 -2.30 19.39 1.98
N VAL A 288 -2.83 18.35 1.33
CA VAL A 288 -2.44 16.96 1.57
C VAL A 288 -2.32 16.23 0.23
N GLN A 289 -1.48 15.22 0.25
CA GLN A 289 -1.38 14.28 -0.84
C GLN A 289 -2.18 13.04 -0.47
N LEU A 290 -2.92 12.48 -1.42
CA LEU A 290 -3.52 11.16 -1.31
C LEU A 290 -2.59 10.14 -1.89
N ALA A 291 -2.43 9.01 -1.20
CA ALA A 291 -1.60 7.87 -1.62
C ALA A 291 -2.30 6.54 -1.49
N ILE A 292 -1.95 5.60 -2.37
CA ILE A 292 -2.25 4.20 -2.21
C ILE A 292 -0.97 3.42 -1.96
N LYS A 293 -1.14 2.23 -1.39
CA LYS A 293 -0.01 1.29 -1.17
C LYS A 293 -0.12 0.08 -2.11
N ILE A 294 0.94 -0.17 -2.86
CA ILE A 294 1.03 -1.31 -3.73
C ILE A 294 1.98 -2.27 -3.02
N SER A 295 1.56 -3.51 -2.94
CA SER A 295 2.32 -4.52 -2.30
C SER A 295 3.46 -4.96 -3.21
N GLY A 296 4.57 -5.39 -2.61
CA GLY A 296 5.76 -5.81 -3.36
C GLY A 296 5.85 -7.31 -3.48
N ILE A 297 5.29 -7.87 -4.54
CA ILE A 297 5.20 -9.30 -4.73
C ILE A 297 6.36 -9.68 -5.65
N HIS A 298 7.52 -9.87 -5.03
CA HIS A 298 8.76 -10.08 -5.78
C HIS A 298 9.00 -11.53 -6.17
N TRP A 299 8.29 -12.47 -5.52
CA TRP A 299 8.49 -13.87 -5.75
C TRP A 299 7.78 -14.31 -7.04
N TRP A 300 8.44 -15.17 -7.79
CA TRP A 300 8.03 -15.54 -9.16
C TRP A 300 8.09 -14.45 -10.24
N TYR A 301 8.73 -13.31 -9.93
CA TYR A 301 8.91 -12.24 -10.91
C TYR A 301 9.79 -12.72 -12.08
N LYS A 302 10.67 -13.67 -11.77
CA LYS A 302 11.60 -14.21 -12.77
C LYS A 302 11.08 -15.34 -13.63
N VAL A 303 9.79 -15.68 -13.55
CA VAL A 303 9.22 -16.66 -14.48
C VAL A 303 8.15 -16.02 -15.32
N PRO A 304 7.86 -16.61 -16.50
CA PRO A 304 6.93 -15.96 -17.42
C PRO A 304 5.55 -15.62 -16.86
N SER A 305 5.01 -16.50 -16.02
CA SER A 305 3.63 -16.27 -15.53
C SER A 305 3.56 -15.27 -14.39
N HIS A 306 4.67 -14.86 -13.77
CA HIS A 306 4.59 -13.91 -12.61
C HIS A 306 3.48 -14.31 -11.63
N ALA A 307 3.52 -15.57 -11.20
CA ALA A 307 2.30 -16.22 -10.67
C ALA A 307 1.78 -15.56 -9.43
N ALA A 308 2.68 -15.16 -8.53
CA ALA A 308 2.25 -14.55 -7.27
C ALA A 308 1.72 -13.12 -7.46
N GLU A 309 2.29 -12.39 -8.42
CA GLU A 309 1.67 -11.10 -8.78
C GLU A 309 0.25 -11.31 -9.30
N LEU A 310 0.04 -12.30 -10.18
CA LEU A 310 -1.29 -12.52 -10.79
C LEU A 310 -2.31 -12.79 -9.71
N THR A 311 -1.99 -13.68 -8.76
CA THR A 311 -2.95 -14.01 -7.70
C THR A 311 -3.17 -12.83 -6.74
N ALA A 312 -2.17 -11.96 -6.55
CA ALA A 312 -2.39 -10.74 -5.72
C ALA A 312 -3.31 -9.74 -6.45
N GLY A 313 -3.44 -9.89 -7.75
CA GLY A 313 -4.28 -8.99 -8.57
C GLY A 313 -3.50 -8.04 -9.48
N TYR A 314 -2.19 -8.21 -9.59
CA TYR A 314 -1.32 -7.38 -10.44
C TYR A 314 -1.01 -8.17 -11.70
N TYR A 315 -1.62 -7.76 -12.83
CA TYR A 315 -1.62 -8.55 -14.06
C TYR A 315 -0.40 -8.10 -14.87
N ASN A 316 0.74 -8.59 -14.40
CA ASN A 316 2.03 -8.15 -14.86
C ASN A 316 2.73 -9.30 -15.56
N LEU A 317 3.09 -9.10 -16.83
CA LEU A 317 3.85 -10.11 -17.61
C LEU A 317 4.98 -9.42 -18.36
N HIS A 318 5.85 -10.20 -19.05
CA HIS A 318 6.97 -9.54 -19.75
C HIS A 318 6.50 -8.51 -20.77
N ASP A 319 5.33 -8.71 -21.39
CA ASP A 319 4.81 -7.78 -22.40
C ASP A 319 3.54 -7.02 -21.97
N ARG A 320 3.25 -6.98 -20.67
CA ARG A 320 2.07 -6.31 -20.14
C ARG A 320 2.38 -5.62 -18.80
N ASP A 321 2.30 -4.30 -18.77
CA ASP A 321 2.72 -3.57 -17.58
C ASP A 321 1.55 -3.42 -16.61
N GLY A 322 1.48 -4.35 -15.66
CA GLY A 322 0.35 -4.41 -14.73
C GLY A 322 0.43 -3.39 -13.62
N TYR A 323 1.53 -2.62 -13.54
CA TYR A 323 1.63 -1.46 -12.61
C TYR A 323 1.39 -0.12 -13.26
N ARG A 324 1.72 0.03 -14.55
CA ARG A 324 1.48 1.27 -15.25
C ARG A 324 -0.02 1.51 -15.47
N THR A 325 -0.79 0.44 -15.57
CA THR A 325 -2.26 0.56 -15.61
C THR A 325 -2.77 1.21 -14.33
N ILE A 326 -2.29 0.68 -13.21
CA ILE A 326 -2.62 1.25 -11.90
C ILE A 326 -2.21 2.72 -11.83
N ALA A 327 -0.98 3.03 -12.27
CA ALA A 327 -0.52 4.38 -12.24
C ALA A 327 -1.40 5.32 -13.07
N ARG A 328 -1.83 4.86 -14.24
CA ARG A 328 -2.71 5.67 -15.13
C ARG A 328 -4.06 5.96 -14.44
N MET A 329 -4.58 4.97 -13.72
CA MET A 329 -5.81 5.17 -12.92
C MET A 329 -5.63 6.23 -11.82
N LEU A 330 -4.46 6.27 -11.18
CA LEU A 330 -4.16 7.26 -10.14
C LEU A 330 -4.01 8.69 -10.63
N LYS A 331 -3.62 8.85 -11.91
CA LYS A 331 -3.30 10.17 -12.49
C LYS A 331 -4.35 11.24 -12.28
N ARG A 332 -5.62 10.92 -12.58
CA ARG A 332 -6.65 11.92 -12.49
C ARG A 332 -6.87 12.41 -11.06
N HIS A 333 -6.61 11.54 -10.09
CA HIS A 333 -6.77 11.90 -8.67
C HIS A 333 -5.56 12.67 -8.14
N ARG A 334 -4.48 12.71 -8.91
CA ARG A 334 -3.17 13.21 -8.46
C ARG A 334 -2.77 12.49 -7.17
N ALA A 335 -3.02 11.19 -7.17
CA ALA A 335 -2.63 10.33 -6.06
C ALA A 335 -1.21 9.81 -6.27
N SER A 336 -0.54 9.56 -5.18
CA SER A 336 0.82 9.02 -5.24
C SER A 336 0.82 7.51 -5.07
N ILE A 337 1.89 6.89 -5.55
CA ILE A 337 2.15 5.49 -5.24
C ILE A 337 3.12 5.41 -4.08
N ASN A 338 2.79 4.54 -3.12
CA ASN A 338 3.67 4.15 -2.04
C ASN A 338 4.00 2.68 -2.29
N PHE A 339 5.26 2.39 -2.65
CA PHE A 339 5.68 1.04 -2.92
C PHE A 339 6.54 0.53 -1.75
N THR A 340 6.96 -0.71 -1.80
CA THR A 340 7.75 -1.29 -0.72
C THR A 340 8.97 -1.94 -1.34
N CYS A 341 9.66 -2.78 -0.58
CA CYS A 341 10.88 -3.44 -1.03
C CYS A 341 12.06 -2.52 -1.36
N ALA A 342 12.01 -1.28 -0.91
CA ALA A 342 13.08 -0.35 -1.25
C ALA A 342 14.42 -0.73 -0.68
N GLU A 343 14.44 -1.66 0.26
CA GLU A 343 15.61 -2.05 0.99
C GLU A 343 16.26 -3.34 0.44
N MET A 344 15.59 -4.04 -0.48
CA MET A 344 15.99 -5.39 -0.85
C MET A 344 16.94 -5.47 -2.06
N ARG A 345 17.90 -6.40 -1.97
CA ARG A 345 18.71 -6.76 -3.12
C ARG A 345 18.32 -8.17 -3.51
N ASP A 346 18.39 -8.44 -4.81
CA ASP A 346 18.10 -9.76 -5.36
C ASP A 346 18.98 -10.87 -4.75
N SER A 347 20.24 -10.52 -4.48
CA SER A 347 21.22 -11.43 -3.88
C SER A 347 20.87 -11.83 -2.46
N GLU A 348 20.01 -11.05 -1.80
CA GLU A 348 19.53 -11.39 -0.47
C GLU A 348 18.35 -12.37 -0.49
N GLN A 349 17.86 -12.77 -1.66
CA GLN A 349 16.63 -13.59 -1.76
C GLN A 349 16.94 -15.04 -2.05
N SER A 350 16.02 -15.90 -1.65
CA SER A 350 16.11 -17.35 -1.92
C SER A 350 16.08 -17.66 -3.43
N SER A 351 16.98 -18.50 -3.93
CA SER A 351 16.98 -18.89 -5.35
C SER A 351 15.69 -19.51 -5.90
N GLN A 352 15.12 -20.49 -5.19
CA GLN A 352 13.96 -21.26 -5.71
C GLN A 352 12.66 -20.42 -5.79
N ALA A 353 12.60 -19.35 -4.99
CA ALA A 353 11.54 -18.32 -5.04
C ALA A 353 11.47 -17.50 -6.35
N MET A 354 12.53 -17.53 -7.16
CA MET A 354 12.58 -16.84 -8.43
C MET A 354 12.22 -15.36 -8.28
N SER A 355 12.91 -14.73 -7.34
CA SER A 355 12.59 -13.42 -6.79
C SER A 355 13.48 -12.29 -7.35
N ALA A 356 12.85 -11.18 -7.76
CA ALA A 356 13.58 -10.04 -8.32
C ALA A 356 13.02 -8.72 -7.80
N PRO A 357 13.25 -8.44 -6.50
CA PRO A 357 12.77 -7.18 -5.93
C PRO A 357 13.37 -5.92 -6.54
N GLU A 358 14.65 -5.96 -6.93
CA GLU A 358 15.26 -4.79 -7.57
C GLU A 358 14.58 -4.43 -8.89
N GLU A 359 14.38 -5.40 -9.77
CA GLU A 359 13.69 -5.16 -11.04
C GLU A 359 12.23 -4.75 -10.83
N LEU A 360 11.60 -5.32 -9.82
CA LEU A 360 10.19 -4.97 -9.52
C LEU A 360 10.11 -3.52 -9.07
N VAL A 361 10.98 -3.14 -8.13
CA VAL A 361 11.03 -1.74 -7.67
C VAL A 361 11.28 -0.83 -8.88
N GLN A 362 12.22 -1.20 -9.74
CA GLN A 362 12.49 -0.39 -10.91
C GLN A 362 11.28 -0.23 -11.84
N GLN A 363 10.52 -1.31 -12.00
CA GLN A 363 9.32 -1.30 -12.80
C GLN A 363 8.24 -0.36 -12.24
N VAL A 364 8.01 -0.44 -10.94
CA VAL A 364 6.92 0.35 -10.29
C VAL A 364 7.26 1.84 -10.23
N LEU A 365 8.50 2.16 -9.84
CA LEU A 365 8.93 3.55 -9.81
C LEU A 365 8.86 4.15 -11.23
N SER A 366 9.37 3.42 -12.23
CA SER A 366 9.37 3.91 -13.61
C SER A 366 7.94 4.13 -14.14
N ALA A 367 7.02 3.22 -13.79
CA ALA A 367 5.60 3.37 -14.14
C ALA A 367 5.00 4.65 -13.55
N GLY A 368 5.22 4.87 -12.26
CA GLY A 368 4.75 6.08 -11.61
C GLY A 368 5.30 7.36 -12.23
N TRP A 369 6.62 7.35 -12.45
CA TRP A 369 7.25 8.54 -13.07
C TRP A 369 6.78 8.78 -14.48
N ARG A 370 6.57 7.73 -15.27
CA ARG A 370 6.03 7.93 -16.61
C ARG A 370 4.59 8.45 -16.63
N GLU A 371 3.87 8.29 -15.54
CA GLU A 371 2.55 8.91 -15.44
C GLU A 371 2.56 10.26 -14.69
N GLY A 372 3.73 10.78 -14.36
CA GLY A 372 3.87 12.08 -13.72
C GLY A 372 3.50 12.08 -12.24
N LEU A 373 3.53 10.91 -11.61
CA LEU A 373 3.11 10.78 -10.21
C LEU A 373 4.28 10.95 -9.27
N ASN A 374 4.00 11.46 -8.07
CA ASN A 374 4.95 11.29 -6.96
C ASN A 374 5.01 9.82 -6.53
N VAL A 375 6.21 9.31 -6.32
CA VAL A 375 6.38 7.97 -5.83
C VAL A 375 7.17 7.99 -4.54
N ALA A 376 6.68 7.23 -3.55
CA ALA A 376 7.35 7.04 -2.28
C ALA A 376 7.54 5.56 -2.04
N CYS A 377 8.41 5.21 -1.09
N CYS A 377 8.41 5.21 -1.10
CA CYS A 377 8.69 3.81 -0.81
CA CYS A 377 8.67 3.81 -0.79
C CYS A 377 8.80 3.52 0.69
C CYS A 377 8.65 3.53 0.71
N GLU A 378 8.62 2.24 1.04
CA GLU A 378 8.84 1.73 2.40
C GLU A 378 9.80 0.53 2.28
N ASN A 379 10.46 0.19 3.38
CA ASN A 379 11.11 -1.11 3.47
C ASN A 379 10.07 -2.17 3.79
N ALA A 380 10.15 -3.32 3.12
CA ALA A 380 9.28 -4.49 3.39
C ALA A 380 9.51 -5.17 4.72
N LEU A 381 10.78 -5.32 5.10
CA LEU A 381 11.17 -6.09 6.27
C LEU A 381 12.10 -5.25 7.15
N PRO A 382 12.13 -5.55 8.46
CA PRO A 382 12.97 -4.74 9.35
C PRO A 382 14.47 -4.89 9.02
N ARG A 383 15.15 -3.75 8.90
CA ARG A 383 16.56 -3.70 8.64
C ARG A 383 17.21 -2.53 9.40
N TYR A 384 18.38 -2.76 9.99
CA TYR A 384 19.14 -1.72 10.71
C TYR A 384 20.57 -1.51 10.17
N ASP A 385 20.91 -2.23 9.11
CA ASP A 385 22.29 -2.32 8.59
C ASP A 385 22.59 -1.32 7.45
N PRO A 386 23.86 -0.84 7.36
CA PRO A 386 24.24 0.08 6.29
C PRO A 386 23.92 -0.39 4.85
N THR A 387 23.96 -1.69 4.60
CA THR A 387 23.69 -2.22 3.25
C THR A 387 22.23 -1.91 2.83
N ALA A 388 21.32 -2.17 3.76
CA ALA A 388 19.92 -1.84 3.56
C ALA A 388 19.73 -0.37 3.23
N TYR A 389 20.35 0.49 4.03
CA TYR A 389 20.23 1.94 3.88
C TYR A 389 20.84 2.39 2.56
N ASN A 390 21.96 1.79 2.17
CA ASN A 390 22.53 2.05 0.86
C ASN A 390 21.67 1.60 -0.32
N THR A 391 20.94 0.51 -0.16
CA THR A 391 19.96 0.09 -1.17
C THR A 391 18.81 1.07 -1.30
N ILE A 392 18.32 1.55 -0.16
CA ILE A 392 17.25 2.53 -0.12
C ILE A 392 17.74 3.82 -0.79
N LEU A 393 18.97 4.23 -0.48
CA LEU A 393 19.58 5.43 -1.05
C LEU A 393 19.65 5.35 -2.57
N ARG A 394 20.05 4.19 -3.06
CA ARG A 394 20.11 3.95 -4.48
C ARG A 394 18.70 4.17 -5.09
N ASN A 395 17.70 3.57 -4.46
CA ASN A 395 16.30 3.70 -4.96
C ASN A 395 15.76 5.11 -4.81
N ALA A 396 16.16 5.82 -3.76
CA ALA A 396 15.74 7.20 -3.55
C ALA A 396 16.21 8.21 -4.59
N ARG A 397 17.43 8.01 -5.09
CA ARG A 397 18.03 8.81 -6.17
C ARG A 397 18.71 7.90 -7.19
N PRO A 398 17.90 7.29 -8.08
CA PRO A 398 18.38 6.24 -9.00
C PRO A 398 19.54 6.64 -9.94
N HIS A 399 19.65 7.94 -10.23
CA HIS A 399 20.74 8.48 -11.07
C HIS A 399 21.78 9.29 -10.26
N GLY A 400 21.76 9.14 -8.94
CA GLY A 400 22.66 9.84 -8.02
C GLY A 400 22.29 11.29 -7.81
N ILE A 401 23.25 12.02 -7.24
CA ILE A 401 23.11 13.45 -6.97
C ILE A 401 23.24 14.24 -8.28
N ASN A 402 22.39 15.24 -8.44
CA ASN A 402 22.61 16.29 -9.42
C ASN A 402 23.17 17.51 -8.66
N GLN A 403 24.45 17.85 -8.91
CA GLN A 403 25.06 19.04 -8.29
C GLN A 403 24.47 20.36 -8.83
N SER A 404 23.95 20.36 -10.07
CA SER A 404 23.45 21.58 -10.73
C SER A 404 22.07 21.99 -10.21
N GLY A 405 21.16 21.03 -10.14
CA GLY A 405 19.77 21.24 -9.70
C GLY A 405 19.17 19.96 -9.13
N PRO A 406 17.83 19.75 -9.31
CA PRO A 406 17.23 18.46 -8.95
C PRO A 406 17.63 17.31 -9.88
N PRO A 407 17.60 16.06 -9.40
CA PRO A 407 17.93 14.91 -10.27
C PRO A 407 16.81 14.60 -11.29
N GLU A 408 17.08 13.74 -12.27
CA GLU A 408 16.03 13.42 -13.27
C GLU A 408 14.85 12.73 -12.56
N HIS A 409 15.15 11.86 -11.60
CA HIS A 409 14.13 11.10 -10.88
C HIS A 409 14.55 11.00 -9.42
N LYS A 410 13.58 11.13 -8.51
CA LYS A 410 13.84 10.84 -7.12
C LYS A 410 12.56 10.42 -6.47
N LEU A 411 12.68 9.73 -5.35
CA LEU A 411 11.50 9.48 -4.51
C LEU A 411 11.03 10.74 -3.83
N PHE A 412 9.71 10.85 -3.67
CA PHE A 412 9.12 11.98 -2.99
C PHE A 412 9.29 11.86 -1.47
N GLY A 413 9.42 10.64 -0.99
CA GLY A 413 9.58 10.35 0.41
C GLY A 413 9.95 8.87 0.58
N PHE A 414 10.46 8.54 1.75
CA PHE A 414 10.69 7.17 2.17
C PHE A 414 10.14 7.04 3.59
N THR A 415 9.45 5.93 3.88
CA THR A 415 8.90 5.71 5.21
C THR A 415 9.52 4.42 5.76
N TYR A 416 10.21 4.55 6.90
CA TYR A 416 10.90 3.46 7.55
C TYR A 416 10.01 2.67 8.49
N LEU A 417 9.96 1.36 8.26
CA LEU A 417 9.29 0.40 9.12
C LEU A 417 10.31 -0.26 10.09
N ARG A 418 10.20 -0.10 11.41
CA ARG A 418 9.31 0.84 12.13
C ARG A 418 9.98 1.25 13.44
N LEU A 419 9.45 2.30 14.04
CA LEU A 419 9.92 2.78 15.33
C LEU A 419 9.79 1.75 16.43
N SER A 420 10.88 1.61 17.18
CA SER A 420 10.89 0.97 18.52
C SER A 420 12.13 1.48 19.25
N ASN A 421 12.27 1.05 20.50
CA ASN A 421 13.51 1.36 21.24
C ASN A 421 14.77 0.88 20.54
N GLN A 422 14.72 -0.24 19.83
CA GLN A 422 15.88 -0.74 19.06
C GLN A 422 16.47 0.26 18.08
N LEU A 423 15.58 1.02 17.43
CA LEU A 423 15.98 1.95 16.40
C LEU A 423 16.69 3.16 16.97
N VAL A 424 16.28 3.61 18.15
CA VAL A 424 16.79 4.84 18.71
C VAL A 424 17.85 4.63 19.80
N GLU A 425 18.49 3.45 19.81
CA GLU A 425 19.58 3.14 20.74
C GLU A 425 20.77 2.59 19.99
N GLY A 426 21.92 2.59 20.66
CA GLY A 426 23.13 1.95 20.15
C GLY A 426 23.57 2.32 18.75
N GLN A 427 24.22 1.37 18.09
CA GLN A 427 24.72 1.57 16.73
C GLN A 427 23.58 1.71 15.71
N ASN A 428 22.43 1.12 16.00
CA ASN A 428 21.23 1.28 15.17
C ASN A 428 20.93 2.75 14.92
N TYR A 429 20.88 3.52 16.01
CA TYR A 429 20.59 4.94 15.93
C TYR A 429 21.66 5.68 15.11
N VAL A 430 22.93 5.32 15.33
CA VAL A 430 24.01 5.96 14.57
C VAL A 430 23.82 5.68 13.08
N ASN A 431 23.59 4.43 12.71
CA ASN A 431 23.36 4.05 11.31
C ASN A 431 22.13 4.77 10.73
N PHE A 432 21.07 4.84 11.53
CA PHE A 432 19.81 5.46 11.08
C PHE A 432 19.99 6.95 10.85
N LYS A 433 20.61 7.63 11.81
CA LYS A 433 20.90 9.06 11.72
C LYS A 433 21.77 9.40 10.51
N THR A 434 22.79 8.59 10.25
CA THR A 434 23.63 8.79 9.07
C THR A 434 22.84 8.56 7.76
N PHE A 435 21.99 7.54 7.73
CA PHE A 435 21.02 7.34 6.64
C PHE A 435 20.20 8.60 6.34
N VAL A 436 19.62 9.19 7.37
CA VAL A 436 18.78 10.41 7.21
C VAL A 436 19.64 11.56 6.63
N ASP A 437 20.86 11.76 7.13
CA ASP A 437 21.76 12.77 6.57
C ASP A 437 21.91 12.60 5.05
N ARG A 438 22.24 11.37 4.64
CA ARG A 438 22.43 11.03 3.23
C ARG A 438 21.15 11.21 2.39
N MET A 439 20.01 10.76 2.93
N MET A 439 20.01 10.76 2.92
CA MET A 439 18.71 11.00 2.28
CA MET A 439 18.72 10.98 2.28
C MET A 439 18.48 12.48 2.07
C MET A 439 18.51 12.48 2.06
N HIS A 440 18.85 13.29 3.07
CA HIS A 440 18.84 14.74 2.93
C HIS A 440 20.01 15.35 2.13
N ALA A 441 20.80 14.55 1.44
CA ALA A 441 21.93 15.01 0.66
C ALA A 441 22.90 15.81 1.56
N ASN A 442 23.02 15.38 2.81
CA ASN A 442 23.84 16.02 3.86
C ASN A 442 23.48 17.45 4.24
N LEU A 443 22.24 17.86 3.99
CA LEU A 443 21.77 19.19 4.38
C LEU A 443 21.00 19.04 5.69
N PRO A 444 20.80 20.15 6.43
CA PRO A 444 19.96 20.06 7.61
C PRO A 444 18.51 19.83 7.26
N ARG A 445 17.76 19.37 8.25
CA ARG A 445 16.36 19.15 8.11
C ARG A 445 15.68 20.46 7.66
N ASP A 446 14.78 20.34 6.67
CA ASP A 446 14.03 21.48 6.13
C ASP A 446 12.54 21.14 6.26
N PRO A 447 11.86 21.70 7.28
CA PRO A 447 10.43 21.39 7.42
C PRO A 447 9.56 21.91 6.28
N TYR A 448 10.03 22.90 5.51
CA TYR A 448 9.22 23.55 4.49
C TYR A 448 9.45 22.99 3.06
N VAL A 449 10.25 21.92 2.94
CA VAL A 449 10.47 21.22 1.65
C VAL A 449 9.17 20.57 1.12
N ASP A 450 9.01 20.48 -0.19
CA ASP A 450 7.84 19.82 -0.80
C ASP A 450 6.47 20.34 -0.31
N PRO A 451 6.27 21.66 -0.33
CA PRO A 451 4.97 22.18 0.13
C PRO A 451 3.83 21.64 -0.75
N MET A 452 2.67 21.38 -0.14
CA MET A 452 1.52 20.87 -0.86
C MET A 452 0.59 22.02 -1.23
N ALA A 453 0.09 22.01 -2.46
CA ALA A 453 -0.99 22.89 -2.87
C ALA A 453 -2.33 22.34 -2.34
N PRO A 454 -3.33 23.20 -2.18
CA PRO A 454 -4.72 22.75 -1.90
C PRO A 454 -5.12 21.67 -2.88
N LEU A 455 -5.59 20.53 -2.37
CA LEU A 455 -5.90 19.36 -3.19
C LEU A 455 -6.98 19.72 -4.20
N PRO A 456 -6.69 19.58 -5.51
CA PRO A 456 -7.73 19.86 -6.49
C PRO A 456 -8.61 18.63 -6.72
N ARG A 457 -9.78 18.88 -7.27
CA ARG A 457 -10.72 17.82 -7.54
C ARG A 457 -10.14 16.92 -8.61
N SER A 458 -10.40 15.62 -8.46
CA SER A 458 -10.05 14.58 -9.43
C SER A 458 -10.55 14.97 -10.81
N GLY A 459 -9.73 14.70 -11.83
CA GLY A 459 -10.12 14.95 -13.18
C GLY A 459 -11.17 13.96 -13.66
N PRO A 460 -11.57 14.07 -14.93
CA PRO A 460 -12.68 13.29 -15.43
C PRO A 460 -12.44 11.80 -15.37
N GLU A 461 -13.49 11.08 -14.98
CA GLU A 461 -13.45 9.63 -14.92
C GLU A 461 -13.08 9.09 -16.31
N ILE A 462 -12.14 8.16 -16.35
CA ILE A 462 -11.78 7.43 -17.58
C ILE A 462 -12.14 5.95 -17.47
N SER A 463 -12.40 5.31 -18.61
CA SER A 463 -12.88 3.93 -18.62
C SER A 463 -11.75 2.96 -18.37
N ILE A 464 -12.11 1.71 -18.11
CA ILE A 464 -11.13 0.69 -17.94
C ILE A 464 -10.34 0.50 -19.25
N GLU A 465 -11.02 0.65 -20.39
CA GLU A 465 -10.33 0.51 -21.70
C GLU A 465 -9.24 1.59 -21.85
N MET A 466 -9.53 2.81 -21.41
CA MET A 466 -8.59 3.93 -21.39
C MET A 466 -7.40 3.66 -20.48
N ILE A 467 -7.68 3.16 -19.28
CA ILE A 467 -6.65 2.81 -18.31
C ILE A 467 -5.71 1.74 -18.92
N LEU A 468 -6.31 0.75 -19.56
CA LEU A 468 -5.54 -0.42 -20.00
C LEU A 468 -4.64 -0.07 -21.19
N GLN A 469 -4.83 1.08 -21.83
CA GLN A 469 -3.89 1.46 -22.92
C GLN A 469 -2.46 1.57 -22.38
N ALA A 470 -2.29 1.83 -21.08
CA ALA A 470 -0.98 1.92 -20.45
C ALA A 470 -0.23 0.59 -20.31
N ALA A 471 -0.90 -0.53 -20.54
CA ALA A 471 -0.29 -1.85 -20.35
C ALA A 471 0.75 -2.17 -21.40
N GLN A 472 0.54 -1.66 -22.61
CA GLN A 472 1.42 -2.01 -23.74
C GLN A 472 1.62 -0.80 -24.62
N PRO A 473 2.75 -0.71 -25.32
CA PRO A 473 3.89 -1.58 -25.17
C PRO A 473 4.56 -1.43 -23.82
N LYS A 474 5.01 -2.55 -23.29
CA LYS A 474 5.75 -2.55 -22.04
C LYS A 474 7.16 -1.94 -22.27
N LEU A 475 7.52 -0.94 -21.49
CA LEU A 475 8.83 -0.24 -21.63
C LEU A 475 9.84 -0.74 -20.66
N GLN A 476 11.12 -0.74 -21.08
CA GLN A 476 12.17 -1.00 -20.10
C GLN A 476 12.14 0.08 -19.02
N PRO A 477 12.50 -0.26 -17.77
CA PRO A 477 12.60 0.81 -16.77
C PRO A 477 13.70 1.81 -17.08
N PHE A 478 13.65 2.92 -16.35
CA PHE A 478 14.75 3.87 -16.37
C PHE A 478 16.00 3.18 -15.79
N PRO A 479 17.21 3.50 -16.31
CA PRO A 479 18.40 2.84 -15.74
C PRO A 479 18.62 3.29 -14.30
N PHE A 480 18.99 2.37 -13.42
CA PHE A 480 19.30 2.67 -12.04
C PHE A 480 20.80 2.43 -11.84
N GLN A 481 21.47 3.31 -11.10
CA GLN A 481 22.90 3.07 -10.73
C GLN A 481 22.95 1.81 -9.87
N GLU A 482 24.04 1.06 -9.97
CA GLU A 482 24.16 -0.15 -9.16
C GLU A 482 24.28 0.17 -7.66
N HIS A 483 24.99 1.25 -7.35
CA HIS A 483 25.27 1.61 -5.98
C HIS A 483 25.06 3.09 -5.83
N THR A 484 24.57 3.51 -4.67
CA THR A 484 24.45 4.92 -4.39
C THR A 484 25.81 5.62 -4.46
N ASP A 485 25.77 6.89 -4.88
CA ASP A 485 26.94 7.76 -4.86
C ASP A 485 27.09 8.52 -3.53
N LEU A 486 26.16 8.33 -2.58
CA LEU A 486 26.27 8.97 -1.28
C LEU A 486 25.98 7.94 -0.20
N PRO A 487 26.86 6.92 -0.09
CA PRO A 487 26.60 5.87 0.89
C PRO A 487 26.79 6.33 2.35
N VAL A 488 26.31 5.54 3.28
CA VAL A 488 26.38 5.90 4.70
C VAL A 488 27.82 5.89 5.29
N GLY A 489 28.52 4.75 5.16
CA GLY A 489 29.82 4.54 5.81
C GLY A 489 30.93 5.18 5.00
#